data_5EWR
#
_entry.id   5EWR
#
_cell.length_a   30.330
_cell.length_b   57.582
_cell.length_c   65.380
_cell.angle_alpha   90.000
_cell.angle_beta   90.000
_cell.angle_gamma   90.000
#
_symmetry.space_group_name_H-M   'P 21 21 21'
#
loop_
_entity.id
_entity.type
_entity.pdbx_description
1 polymer 'Box C/D snoRNP and U4 snRNP component Snu13p'
2 water water
#
_entity_poly.entity_id   1
_entity_poly.type   'polypeptide(L)'
_entity_poly.pdbx_seq_one_letter_code
;SNEPLSSTEAPSRPMDVVTAPNQADPRAYPFAPADLVVEILDLVQQASHYKQIKKGLNEVLKSMNRGLAEFVVLAADTQP
LEILLSAPLVAEDKAVPYVFVPSKAALGRACGVSRPVIACAVLRADMSQLRNQITALRTKIEQLLL
;
_entity_poly.pdbx_strand_id   A
#
# COMPACT_ATOMS: atom_id res chain seq x y z
N ASP A 25 2.34 4.78 -16.79
CA ASP A 25 1.89 6.12 -16.44
C ASP A 25 2.98 6.72 -15.53
N PRO A 26 3.53 7.90 -15.91
CA PRO A 26 4.65 8.49 -15.17
C PRO A 26 4.25 9.09 -13.81
N ARG A 27 2.96 9.33 -13.58
CA ARG A 27 2.50 9.78 -12.27
C ARG A 27 2.38 8.63 -11.27
N ALA A 28 2.45 7.40 -11.77
CA ALA A 28 2.42 6.20 -10.95
C ALA A 28 3.83 5.85 -10.49
N TYR A 29 4.40 6.75 -9.69
CA TYR A 29 5.76 6.64 -9.16
C TYR A 29 5.72 6.76 -7.62
N PRO A 30 6.58 6.03 -6.90
CA PRO A 30 7.51 5.00 -7.41
C PRO A 30 6.78 3.72 -7.78
N PHE A 31 7.27 3.06 -8.81
CA PHE A 31 6.68 1.84 -9.32
C PHE A 31 7.55 0.71 -8.83
N ALA A 32 6.94 -0.25 -8.17
CA ALA A 32 7.68 -1.37 -7.58
C ALA A 32 8.22 -2.29 -8.67
N PRO A 33 9.54 -2.55 -8.67
CA PRO A 33 10.00 -3.57 -9.61
C PRO A 33 9.34 -4.92 -9.30
N ALA A 34 9.21 -5.79 -10.30
CA ALA A 34 8.58 -7.12 -10.15
C ALA A 34 8.93 -7.89 -8.85
N ASP A 35 10.19 -7.93 -8.43
CA ASP A 35 10.47 -8.68 -7.19
C ASP A 35 9.75 -8.04 -6.00
N LEU A 36 9.83 -6.74 -5.92
CA LEU A 36 9.21 -6.02 -4.83
C LEU A 36 7.67 -6.21 -4.86
N VAL A 37 7.07 -6.17 -6.06
CA VAL A 37 5.63 -6.44 -6.23
C VAL A 37 5.24 -7.74 -5.48
N VAL A 38 6.03 -8.77 -5.69
CA VAL A 38 5.73 -10.05 -5.09
C VAL A 38 5.78 -9.95 -3.58
N GLU A 39 6.82 -9.29 -3.08
CA GLU A 39 7.02 -9.20 -1.63
C GLU A 39 5.87 -8.39 -1.03
N ILE A 40 5.43 -7.35 -1.75
CA ILE A 40 4.34 -6.51 -1.27
C ILE A 40 3.05 -7.30 -1.20
N LEU A 41 2.73 -8.06 -2.24
CA LEU A 41 1.44 -8.72 -2.30
C LEU A 41 1.38 -9.87 -1.32
N ASP A 42 2.52 -10.51 -1.08
CA ASP A 42 2.55 -11.64 -0.18
C ASP A 42 2.42 -11.13 1.26
N LEU A 43 2.98 -9.95 1.54
CA LEU A 43 2.85 -9.38 2.89
C LEU A 43 1.45 -8.82 3.14
N VAL A 44 0.86 -8.17 2.13
CA VAL A 44 -0.56 -7.73 2.18
C VAL A 44 -1.50 -8.90 2.55
N GLN A 45 -1.30 -10.06 1.91
CA GLN A 45 -2.12 -11.23 2.16
C GLN A 45 -2.07 -11.68 3.60
N GLN A 46 -0.88 -11.65 4.16
CA GLN A 46 -0.67 -12.08 5.52
C GLN A 46 -1.28 -11.06 6.44
N ALA A 47 -1.11 -9.77 6.11
CA ALA A 47 -1.62 -8.71 6.97
C ALA A 47 -3.14 -8.78 6.98
N SER A 48 -3.73 -9.16 5.84
CA SER A 48 -5.17 -9.02 5.73
C SER A 48 -5.76 -10.19 6.47
N HIS A 49 -5.04 -11.29 6.46
CA HIS A 49 -5.40 -12.45 7.26
C HIS A 49 -5.59 -12.05 8.77
N TYR A 50 -4.80 -11.08 9.25
CA TYR A 50 -4.89 -10.61 10.62
C TYR A 50 -5.50 -9.23 10.71
N LYS A 51 -6.26 -8.83 9.68
CA LYS A 51 -7.01 -7.58 9.67
C LYS A 51 -6.13 -6.33 9.87
N GLN A 52 -4.88 -6.42 9.48
CA GLN A 52 -3.99 -5.29 9.54
C GLN A 52 -3.94 -4.56 8.18
N ILE A 53 -5.08 -4.51 7.49
CA ILE A 53 -5.28 -3.79 6.24
C ILE A 53 -6.53 -2.90 6.24
N LYS A 54 -6.40 -1.70 5.68
CA LYS A 54 -7.57 -0.95 5.23
C LYS A 54 -7.61 -0.96 3.70
N LYS A 55 -8.77 -1.23 3.12
CA LYS A 55 -8.94 -1.21 1.67
C LYS A 55 -9.72 0.01 1.23
N GLY A 56 -9.41 0.51 0.04
CA GLY A 56 -10.20 1.55 -0.59
C GLY A 56 -9.61 2.94 -0.33
N LEU A 57 -9.81 3.85 -1.29
CA LEU A 57 -9.13 5.11 -1.26
C LEU A 57 -9.41 5.92 0.03
N ASN A 58 -10.69 6.00 0.37
CA ASN A 58 -11.17 6.74 1.52
C ASN A 58 -10.60 6.28 2.86
N GLU A 59 -10.60 4.96 3.08
CA GLU A 59 -10.03 4.41 4.28
C GLU A 59 -8.51 4.62 4.31
N VAL A 60 -7.87 4.60 3.13
CA VAL A 60 -6.43 4.80 3.06
C VAL A 60 -6.02 6.26 3.38
N LEU A 61 -6.66 7.22 2.74
CA LEU A 61 -6.41 8.63 3.02
C LEU A 61 -6.56 8.87 4.52
N LYS A 62 -7.53 8.18 5.08
CA LYS A 62 -7.91 8.33 6.45
C LYS A 62 -6.91 7.72 7.44
N SER A 63 -6.48 6.49 7.13
CA SER A 63 -5.41 5.84 7.86
C SER A 63 -4.16 6.71 7.89
N MET A 64 -3.85 7.34 6.78
CA MET A 64 -2.63 8.13 6.71
C MET A 64 -2.73 9.40 7.57
N ASN A 65 -3.87 10.07 7.49
CA ASN A 65 -4.09 11.29 8.24
C ASN A 65 -4.05 11.06 9.75
N ARG A 66 -4.56 9.91 10.17
CA ARG A 66 -4.72 9.61 11.59
C ARG A 66 -3.51 8.84 12.12
N GLY A 67 -2.51 8.66 11.27
CA GLY A 67 -1.22 8.13 11.68
C GLY A 67 -1.27 6.63 11.89
N LEU A 68 -2.18 5.94 11.20
CA LEU A 68 -2.40 4.51 11.43
C LEU A 68 -1.71 3.63 10.39
N ALA A 69 -1.29 4.21 9.27
CA ALA A 69 -0.75 3.45 8.15
C ALA A 69 0.78 3.33 8.23
N GLU A 70 1.32 2.11 8.14
CA GLU A 70 2.76 1.91 8.12
C GLU A 70 3.29 2.25 6.73
N PHE A 71 2.57 1.79 5.70
CA PHE A 71 2.80 2.24 4.32
C PHE A 71 1.54 2.01 3.47
N VAL A 72 1.55 2.63 2.28
CA VAL A 72 0.40 2.63 1.39
C VAL A 72 0.79 2.04 0.04
N VAL A 73 -0.09 1.21 -0.51
CA VAL A 73 0.12 0.55 -1.80
C VAL A 73 -0.97 1.01 -2.76
N LEU A 74 -0.56 1.52 -3.92
CA LEU A 74 -1.46 2.06 -4.95
C LEU A 74 -1.41 1.30 -6.29
N ALA A 75 -2.56 1.17 -6.93
CA ALA A 75 -2.63 0.42 -8.16
C ALA A 75 -2.41 1.32 -9.41
N ALA A 76 -1.34 1.08 -10.15
CA ALA A 76 -1.00 1.89 -11.33
C ALA A 76 -2.03 1.83 -12.48
N ASP A 77 -2.87 0.80 -12.51
CA ASP A 77 -3.80 0.61 -13.60
C ASP A 77 -5.19 1.04 -13.17
N THR A 78 -5.24 1.83 -12.10
CA THR A 78 -6.46 2.53 -11.71
C THR A 78 -6.95 3.42 -12.87
N GLN A 79 -8.25 3.36 -13.18
CA GLN A 79 -8.83 4.00 -14.36
C GLN A 79 -10.01 4.89 -13.98
N PRO A 80 -9.86 6.19 -14.18
CA PRO A 80 -8.62 6.88 -14.53
C PRO A 80 -7.69 6.97 -13.32
N LEU A 81 -6.41 7.17 -13.57
CA LEU A 81 -5.45 7.25 -12.47
C LEU A 81 -5.75 8.44 -11.50
N GLU A 82 -6.39 9.50 -12.01
CA GLU A 82 -6.71 10.69 -11.22
C GLU A 82 -7.52 10.41 -9.95
N ILE A 83 -8.35 9.38 -9.96
CA ILE A 83 -9.05 8.91 -8.78
C ILE A 83 -8.17 8.94 -7.50
N LEU A 84 -6.89 8.54 -7.57
CA LEU A 84 -6.15 8.30 -6.32
C LEU A 84 -4.99 9.27 -6.14
N LEU A 85 -4.85 10.22 -7.04
CA LEU A 85 -3.65 11.03 -7.02
C LEU A 85 -3.57 11.98 -5.81
N SER A 86 -4.64 12.08 -5.04
CA SER A 86 -4.46 12.81 -3.81
C SER A 86 -3.70 11.91 -2.77
N ALA A 87 -3.64 10.60 -2.98
CA ALA A 87 -2.99 9.71 -1.98
C ALA A 87 -1.46 9.93 -1.86
N PRO A 88 -0.71 9.90 -3.00
CA PRO A 88 0.73 10.20 -2.94
C PRO A 88 1.04 11.53 -2.29
N LEU A 89 0.06 12.42 -2.34
CA LEU A 89 0.23 13.78 -1.90
C LEU A 89 -0.01 13.94 -0.37
N VAL A 90 -1.07 13.31 0.10
CA VAL A 90 -1.22 13.12 1.51
C VAL A 90 -0.05 12.28 2.10
N ALA A 91 0.40 11.23 1.41
CA ALA A 91 1.50 10.40 1.88
C ALA A 91 2.77 11.25 2.08
N GLU A 92 3.05 12.13 1.12
CA GLU A 92 4.24 12.96 1.16
C GLU A 92 4.18 13.90 2.40
N ASP A 93 3.00 14.43 2.66
CA ASP A 93 2.83 15.44 3.68
C ASP A 93 2.94 14.80 5.06
N LYS A 94 2.50 13.54 5.15
CA LYS A 94 2.56 12.77 6.39
C LYS A 94 3.79 11.81 6.44
N ALA A 95 4.68 11.91 5.44
CA ALA A 95 5.81 10.99 5.31
C ALA A 95 5.43 9.52 5.58
N VAL A 96 4.34 9.10 4.96
CA VAL A 96 4.01 7.70 4.85
C VAL A 96 4.59 7.18 3.53
N PRO A 97 5.44 6.17 3.61
CA PRO A 97 5.98 5.54 2.42
C PRO A 97 4.89 5.02 1.54
N TYR A 98 4.93 5.26 0.26
CA TYR A 98 3.90 4.72 -0.62
C TYR A 98 4.57 4.16 -1.88
N VAL A 99 3.89 3.28 -2.58
CA VAL A 99 4.46 2.65 -3.75
C VAL A 99 3.32 2.20 -4.64
N PHE A 100 3.58 2.26 -5.94
CA PHE A 100 2.69 1.71 -6.96
C PHE A 100 3.07 0.29 -7.38
N VAL A 101 2.03 -0.52 -7.46
CA VAL A 101 2.08 -1.86 -8.02
C VAL A 101 1.24 -1.89 -9.32
N PRO A 102 1.51 -2.87 -10.19
CA PRO A 102 0.98 -2.73 -11.54
C PRO A 102 -0.50 -3.05 -11.62
N SER A 103 -1.04 -3.82 -10.68
CA SER A 103 -2.34 -4.40 -10.93
C SER A 103 -3.25 -4.28 -9.75
N LYS A 104 -4.43 -3.71 -10.00
CA LYS A 104 -5.45 -3.49 -8.95
C LYS A 104 -6.16 -4.81 -8.66
N ALA A 105 -6.24 -5.66 -9.69
CA ALA A 105 -6.82 -6.99 -9.54
C ALA A 105 -5.95 -7.86 -8.60
N ALA A 106 -4.65 -7.94 -8.88
CA ALA A 106 -3.75 -8.66 -7.98
C ALA A 106 -3.86 -8.16 -6.54
N LEU A 107 -3.92 -6.83 -6.38
CA LEU A 107 -3.97 -6.24 -5.04
C LEU A 107 -5.26 -6.62 -4.33
N GLY A 108 -6.36 -6.71 -5.10
CA GLY A 108 -7.63 -7.23 -4.58
C GLY A 108 -7.47 -8.65 -4.06
N ARG A 109 -6.87 -9.53 -4.85
CA ARG A 109 -6.65 -10.90 -4.39
C ARG A 109 -5.85 -10.92 -3.07
N ALA A 110 -4.75 -10.20 -3.02
CA ALA A 110 -3.94 -10.16 -1.80
C ALA A 110 -4.75 -9.64 -0.59
N CYS A 111 -5.66 -8.69 -0.80
CA CYS A 111 -6.46 -8.15 0.29
C CYS A 111 -7.59 -9.12 0.66
N GLY A 112 -7.66 -10.27 -0.02
CA GLY A 112 -8.71 -11.27 0.26
C GLY A 112 -10.10 -11.05 -0.37
N VAL A 113 -10.12 -10.32 -1.49
CA VAL A 113 -11.34 -9.87 -2.14
C VAL A 113 -11.29 -10.20 -3.60
N SER A 114 -12.44 -10.39 -4.21
CA SER A 114 -12.47 -10.73 -5.61
C SER A 114 -12.63 -9.54 -6.53
N ARG A 115 -13.02 -8.40 -6.01
CA ARG A 115 -13.04 -7.19 -6.82
C ARG A 115 -11.68 -6.49 -6.73
N PRO A 116 -11.42 -5.56 -7.66
CA PRO A 116 -10.19 -4.78 -7.66
C PRO A 116 -10.07 -3.88 -6.46
N VAL A 117 -8.84 -3.69 -5.99
CA VAL A 117 -8.58 -2.73 -4.93
C VAL A 117 -7.53 -1.79 -5.47
N ILE A 118 -7.86 -0.51 -5.46
CA ILE A 118 -6.99 0.49 -6.08
C ILE A 118 -6.02 1.11 -5.07
N ALA A 119 -6.27 0.89 -3.79
CA ALA A 119 -5.44 1.44 -2.72
C ALA A 119 -5.62 0.67 -1.41
N CYS A 120 -4.55 0.42 -0.69
CA CYS A 120 -4.72 -0.14 0.63
C CYS A 120 -3.59 0.27 1.53
N ALA A 121 -3.92 0.33 2.81
CA ALA A 121 -2.98 0.71 3.87
C ALA A 121 -2.65 -0.52 4.68
N VAL A 122 -1.36 -0.72 4.94
CA VAL A 122 -0.89 -1.78 5.82
C VAL A 122 -0.75 -1.13 7.18
N LEU A 123 -1.54 -1.59 8.16
CA LEU A 123 -1.57 -0.91 9.48
C LEU A 123 -0.36 -1.21 10.39
N ARG A 124 -0.20 -0.42 11.45
CA ARG A 124 0.78 -0.72 12.49
C ARG A 124 0.31 -1.76 13.55
N ALA A 125 0.98 -2.92 13.54
CA ALA A 125 0.80 -4.02 14.47
C ALA A 125 1.62 -3.82 15.72
N ASP A 126 1.20 -4.45 16.81
CA ASP A 126 1.95 -4.48 18.04
C ASP A 126 3.13 -5.42 17.87
N MET A 127 4.13 -5.29 18.74
CA MET A 127 5.33 -6.13 18.68
C MET A 127 4.94 -7.60 18.44
N SER A 128 5.55 -8.19 17.40
CA SER A 128 5.20 -9.51 16.82
C SER A 128 6.01 -9.75 15.56
N GLN A 129 5.97 -10.94 15.01
CA GLN A 129 6.77 -11.20 13.82
C GLN A 129 6.13 -10.45 12.64
N LEU A 130 4.81 -10.30 12.67
CA LEU A 130 4.07 -9.66 11.60
C LEU A 130 4.50 -8.20 11.51
N ARG A 131 4.53 -7.56 12.67
CA ARG A 131 5.03 -6.20 12.73
C ARG A 131 6.42 -6.14 12.12
N ASN A 132 7.28 -7.09 12.49
CA ASN A 132 8.64 -7.06 12.01
C ASN A 132 8.69 -7.10 10.50
N GLN A 133 7.86 -7.93 9.89
CA GLN A 133 7.78 -8.05 8.44
C GLN A 133 7.32 -6.76 7.83
N ILE A 134 6.26 -6.22 8.39
CA ILE A 134 5.67 -4.99 7.91
C ILE A 134 6.68 -3.85 7.93
N THR A 135 7.31 -3.71 9.07
CA THR A 135 8.40 -2.75 9.23
C THR A 135 9.56 -2.94 8.26
N ALA A 136 9.93 -4.18 8.00
CA ALA A 136 11.06 -4.42 7.11
C ALA A 136 10.68 -3.92 5.72
N LEU A 137 9.45 -4.21 5.32
CA LEU A 137 9.01 -3.87 4.02
C LEU A 137 8.85 -2.36 3.89
N ARG A 138 8.45 -1.73 5.00
CA ARG A 138 8.23 -0.30 5.01
C ARG A 138 9.54 0.39 4.72
N THR A 139 10.60 -0.11 5.33
CA THR A 139 11.94 0.43 5.11
C THR A 139 12.37 0.24 3.63
N LYS A 140 12.04 -0.90 3.04
CA LYS A 140 12.34 -1.10 1.61
C LYS A 140 11.62 -0.05 0.77
N ILE A 141 10.34 0.14 1.03
CA ILE A 141 9.54 1.11 0.26
C ILE A 141 10.05 2.54 0.52
N GLU A 142 10.46 2.82 1.77
CA GLU A 142 11.02 4.13 2.12
C GLU A 142 12.11 4.55 1.14
N GLN A 143 12.96 3.59 0.81
CA GLN A 143 14.18 3.88 0.10
C GLN A 143 13.98 4.15 -1.40
N LEU A 144 12.83 3.76 -1.96
CA LEU A 144 12.42 4.19 -3.30
C LEU A 144 12.39 5.72 -3.45
N LEU A 145 11.90 6.42 -2.43
CA LEU A 145 11.70 7.87 -2.47
C LEU A 145 12.99 8.69 -2.17
N LEU A 146 14.02 8.05 -1.60
CA LEU A 146 15.27 8.76 -1.26
C LEU A 146 16.07 9.19 -2.47
#